data_8SZX
#
_entry.id   8SZX
#
_cell.length_a   158.189
_cell.length_b   158.189
_cell.length_c   47.567
_cell.angle_alpha   90.000
_cell.angle_beta   90.000
_cell.angle_gamma   90.000
#
_symmetry.space_group_name_H-M   'I 41'
#
loop_
_entity.id
_entity.type
_entity.pdbx_description
1 polymer "Coatomer subunit beta'"
2 water water
#
_entity_poly.entity_id   1
_entity_poly.type   'polypeptide(L)'
_entity_poly.pdbx_seq_one_letter_code
;SMKLDIKKTFSNRSDRVAGIDFHPTEPWVLTTLYSGRVEIWNYETQVEVRSIQVTETPVRAGKFIARKNWIIVGSDDFRI
RVFNYNTGEKVVDFEAHPDYIRSIAVHPTKPYVLSGSDDLTVKLWNWENNWALEQTFEGHEHFVMCVAFNPKDPSTFASG
CLDRTVKVWSLGQSTPNFTLTTGQERGVNYVDYYPLPDKPYMITASDDLTIKIWDYQTKSCVATLEGHMSNVSFAVFHPT
LPIIISGSEDGTLKIWNSSTYKVEKTLNVGLERSWCIATHPTGRKNYIASGFDNGFTVLSLG
;
_entity_poly.pdbx_strand_id   A,B
#
# COMPACT_ATOMS: atom_id res chain seq x y z
N SER A 1 21.73 22.53 -27.78
CA SER A 1 21.25 21.13 -27.58
C SER A 1 22.26 20.34 -26.76
N MET A 2 21.77 19.37 -25.97
CA MET A 2 22.58 18.65 -25.02
C MET A 2 22.24 17.17 -25.09
N LYS A 3 23.26 16.34 -25.29
CA LYS A 3 23.08 14.90 -25.45
C LYS A 3 22.87 14.23 -24.09
N LEU A 4 22.02 13.21 -24.06
CA LEU A 4 21.85 12.41 -22.86
C LEU A 4 23.16 11.70 -22.53
N ASP A 5 23.68 11.93 -21.33
CA ASP A 5 24.88 11.25 -20.85
C ASP A 5 24.67 11.05 -19.34
N ILE A 6 24.11 9.90 -18.99
CA ILE A 6 23.64 9.64 -17.63
C ILE A 6 24.79 9.14 -16.78
N LYS A 7 25.03 9.81 -15.65
CA LYS A 7 26.07 9.44 -14.71
C LYS A 7 25.46 9.28 -13.33
N LYS A 8 25.78 8.18 -12.65
CA LYS A 8 25.30 7.95 -11.30
C LYS A 8 26.13 8.80 -10.34
N THR A 9 25.54 9.89 -9.86
CA THR A 9 26.27 10.80 -8.97
C THR A 9 26.46 10.20 -7.59
N PHE A 10 25.38 9.66 -7.02
CA PHE A 10 25.40 9.16 -5.66
C PHE A 10 24.19 8.26 -5.45
N SER A 11 24.43 7.11 -4.82
CA SER A 11 23.35 6.19 -4.48
C SER A 11 23.54 5.73 -3.03
N ASN A 12 22.43 5.55 -2.32
CA ASN A 12 22.46 5.24 -0.90
C ASN A 12 21.35 4.27 -0.57
N ARG A 13 21.70 3.15 0.06
CA ARG A 13 20.71 2.18 0.46
C ARG A 13 20.07 2.56 1.79
N SER A 14 18.77 2.32 1.90
CA SER A 14 18.02 2.69 3.09
C SER A 14 16.65 2.01 3.02
N ASP A 15 15.85 2.19 4.06
CA ASP A 15 14.46 1.78 4.01
C ASP A 15 13.73 2.56 2.92
N ARG A 16 12.52 2.12 2.61
CA ARG A 16 11.74 2.69 1.51
C ARG A 16 11.69 4.21 1.60
N VAL A 17 11.99 4.87 0.48
CA VAL A 17 11.99 6.33 0.38
C VAL A 17 10.64 6.76 -0.19
N ALA A 18 9.92 7.58 0.56
CA ALA A 18 8.60 8.03 0.15
C ALA A 18 8.58 9.45 -0.39
N GLY A 19 9.48 10.30 0.09
CA GLY A 19 9.59 11.65 -0.42
C GLY A 19 11.04 12.03 -0.64
N ILE A 20 11.27 12.88 -1.63
CA ILE A 20 12.63 13.28 -2.00
C ILE A 20 12.58 14.69 -2.58
N ASP A 21 13.63 15.48 -2.30
CA ASP A 21 13.65 16.88 -2.73
C ASP A 21 15.10 17.36 -2.81
N PHE A 22 15.33 18.31 -3.71
CA PHE A 22 16.63 18.95 -3.87
C PHE A 22 16.64 20.30 -3.16
N HIS A 23 17.76 20.62 -2.52
CA HIS A 23 18.01 21.98 -2.06
C HIS A 23 18.46 22.85 -3.24
N PRO A 24 17.92 24.06 -3.38
CA PRO A 24 18.19 24.84 -4.61
C PRO A 24 19.59 25.40 -4.70
N THR A 25 20.30 25.60 -3.59
CA THR A 25 21.61 26.25 -3.63
C THR A 25 22.72 25.47 -2.93
N GLU A 26 22.38 24.49 -2.09
CA GLU A 26 23.36 23.55 -1.56
C GLU A 26 23.24 22.23 -2.29
N PRO A 27 24.34 21.49 -2.46
CA PRO A 27 24.26 20.20 -3.17
C PRO A 27 23.69 19.09 -2.28
N TRP A 28 22.46 19.30 -1.82
CA TRP A 28 21.80 18.45 -0.85
C TRP A 28 20.55 17.82 -1.45
N VAL A 29 20.24 16.62 -0.97
CA VAL A 29 18.95 15.98 -1.24
C VAL A 29 18.34 15.54 0.08
N LEU A 30 17.04 15.77 0.23
CA LEU A 30 16.29 15.33 1.39
C LEU A 30 15.49 14.09 1.01
N THR A 31 15.53 13.08 1.87
CA THR A 31 14.70 11.89 1.72
C THR A 31 13.87 11.68 2.97
N THR A 32 12.63 11.24 2.79
CA THR A 32 11.74 10.90 3.90
C THR A 32 11.35 9.44 3.76
N LEU A 33 11.52 8.68 4.85
CA LEU A 33 11.49 7.23 4.79
C LEU A 33 10.23 6.66 5.42
N TYR A 34 9.89 5.44 4.98
CA TYR A 34 8.76 4.71 5.55
C TYR A 34 8.99 4.32 7.00
N SER A 35 10.24 4.40 7.48
CA SER A 35 10.56 4.08 8.85
C SER A 35 10.31 5.23 9.81
N GLY A 36 9.95 6.42 9.30
CA GLY A 36 9.82 7.59 10.13
C GLY A 36 11.08 8.42 10.24
N ARG A 37 12.15 7.99 9.59
CA ARG A 37 13.41 8.71 9.53
C ARG A 37 13.43 9.64 8.31
N VAL A 38 14.09 10.77 8.46
CA VAL A 38 14.40 11.64 7.33
C VAL A 38 15.90 11.93 7.35
N GLU A 39 16.48 12.05 6.16
CA GLU A 39 17.91 12.25 5.99
C GLU A 39 18.16 13.34 4.98
N ILE A 40 19.19 14.16 5.24
CA ILE A 40 19.72 15.10 4.26
C ILE A 40 21.14 14.63 3.92
N TRP A 41 21.40 14.40 2.63
CA TRP A 41 22.70 13.99 2.15
C TRP A 41 23.29 15.05 1.23
N ASN A 42 24.59 15.28 1.37
CA ASN A 42 25.36 15.99 0.36
C ASN A 42 25.78 14.97 -0.68
N TYR A 43 25.15 15.01 -1.86
CA TYR A 43 25.40 13.99 -2.87
C TYR A 43 26.67 14.24 -3.66
N GLU A 44 27.32 15.39 -3.47
CA GLU A 44 28.59 15.66 -4.15
C GLU A 44 29.78 15.21 -3.32
N THR A 45 29.75 15.45 -2.01
CA THR A 45 30.74 14.89 -1.10
C THR A 45 30.31 13.54 -0.54
N GLN A 46 29.05 13.14 -0.71
CA GLN A 46 28.56 11.85 -0.22
C GLN A 46 28.68 11.78 1.30
N VAL A 47 28.30 12.87 1.96
CA VAL A 47 28.34 13.00 3.41
C VAL A 47 26.92 13.26 3.90
N GLU A 48 26.52 12.59 4.97
CA GLU A 48 25.22 12.85 5.57
C GLU A 48 25.27 14.19 6.30
N VAL A 49 24.36 15.10 5.93
CA VAL A 49 24.31 16.41 6.59
C VAL A 49 23.58 16.30 7.92
N ARG A 50 22.47 15.56 7.96
CA ARG A 50 21.68 15.43 9.17
C ARG A 50 20.67 14.31 8.96
N SER A 51 20.30 13.65 10.06
CA SER A 51 19.22 12.68 10.06
C SER A 51 18.41 12.85 11.34
N ILE A 52 17.12 12.57 11.24
CA ILE A 52 16.18 12.80 12.33
C ILE A 52 15.19 11.64 12.36
N GLN A 53 15.02 11.03 13.52
CA GLN A 53 13.90 10.11 13.74
C GLN A 53 12.69 10.98 14.06
N VAL A 54 11.92 11.29 13.02
CA VAL A 54 10.83 12.24 13.16
C VAL A 54 9.66 11.62 13.90
N THR A 55 9.38 10.35 13.63
CA THR A 55 8.20 9.66 14.12
C THR A 55 8.41 8.17 13.88
N GLU A 56 7.47 7.36 14.36
CA GLU A 56 7.51 5.92 14.10
C GLU A 56 6.69 5.54 12.88
N THR A 57 5.90 6.45 12.34
CA THR A 57 5.08 6.19 11.16
C THR A 57 5.82 6.62 9.90
N PRO A 58 5.39 6.15 8.73
CA PRO A 58 5.99 6.63 7.49
C PRO A 58 5.89 8.13 7.34
N VAL A 59 6.93 8.73 6.75
CA VAL A 59 6.95 10.15 6.41
C VAL A 59 6.86 10.21 4.89
N ARG A 60 5.64 10.52 4.38
CA ARG A 60 5.38 10.41 2.95
C ARG A 60 5.81 11.65 2.17
N ALA A 61 5.77 12.82 2.79
CA ALA A 61 6.01 14.07 2.09
C ALA A 61 7.13 14.85 2.77
N GLY A 62 7.98 15.48 1.96
CA GLY A 62 9.06 16.28 2.48
C GLY A 62 9.57 17.31 1.48
N LYS A 63 9.78 18.54 1.94
CA LYS A 63 10.27 19.60 1.08
C LYS A 63 11.25 20.47 1.85
N PHE A 64 12.25 20.97 1.14
CA PHE A 64 13.03 22.08 1.66
C PHE A 64 12.21 23.36 1.62
N ILE A 65 12.35 24.17 2.66
CA ILE A 65 12.00 25.59 2.58
C ILE A 65 13.32 26.34 2.74
N ALA A 66 14.09 26.39 1.66
CA ALA A 66 15.47 26.85 1.75
C ALA A 66 15.57 28.26 2.31
N ARG A 67 14.63 29.14 1.97
CA ARG A 67 14.74 30.52 2.38
C ARG A 67 14.41 30.74 3.85
N LYS A 68 14.09 29.67 4.59
CA LYS A 68 13.97 29.71 6.04
C LYS A 68 14.89 28.71 6.72
N ASN A 69 15.77 28.07 5.95
CA ASN A 69 16.62 26.98 6.45
C ASN A 69 15.78 25.90 7.15
N TRP A 70 14.67 25.52 6.52
CA TRP A 70 13.79 24.50 7.06
C TRP A 70 13.66 23.32 6.12
N ILE A 71 13.28 22.18 6.70
CA ILE A 71 12.58 21.13 5.98
C ILE A 71 11.19 21.02 6.59
N ILE A 72 10.20 20.71 5.75
CA ILE A 72 8.84 20.46 6.20
C ILE A 72 8.46 19.05 5.75
N VAL A 73 7.94 18.26 6.68
CA VAL A 73 7.63 16.86 6.42
C VAL A 73 6.22 16.54 6.91
N GLY A 74 5.57 15.62 6.20
CA GLY A 74 4.26 15.13 6.61
C GLY A 74 4.26 13.63 6.71
N SER A 75 3.61 13.12 7.75
CA SER A 75 3.70 11.71 8.09
C SER A 75 2.31 11.13 8.34
N ASP A 76 2.27 9.80 8.40
CA ASP A 76 1.01 9.08 8.50
C ASP A 76 0.36 9.19 9.88
N ASP A 77 1.04 9.78 10.86
CA ASP A 77 0.39 10.17 12.11
C ASP A 77 -0.48 11.43 11.93
N PHE A 78 -0.62 11.91 10.70
CA PHE A 78 -1.47 13.03 10.29
C PHE A 78 -0.81 14.38 10.54
N ARG A 79 0.49 14.42 10.83
CA ARG A 79 1.12 15.60 11.37
C ARG A 79 2.11 16.22 10.40
N ILE A 80 2.13 17.56 10.38
CA ILE A 80 3.16 18.33 9.71
C ILE A 80 4.18 18.74 10.77
N ARG A 81 5.45 18.55 10.47
CA ARG A 81 6.54 18.98 11.32
C ARG A 81 7.54 19.77 10.48
N VAL A 82 8.15 20.78 11.12
CA VAL A 82 9.15 21.63 10.48
C VAL A 82 10.40 21.62 11.33
N PHE A 83 11.56 21.45 10.69
CA PHE A 83 12.83 21.36 11.36
C PHE A 83 13.82 22.34 10.73
N ASN A 84 14.59 23.03 11.56
CA ASN A 84 15.75 23.77 11.09
C ASN A 84 16.85 22.77 10.78
N TYR A 85 17.31 22.72 9.52
CA TYR A 85 18.26 21.68 9.17
C TYR A 85 19.68 22.00 9.59
N ASN A 86 19.96 23.23 10.04
CA ASN A 86 21.27 23.55 10.55
C ASN A 86 21.41 23.18 12.03
N THR A 87 20.34 23.31 12.82
CA THR A 87 20.40 23.03 14.24
C THR A 87 19.66 21.77 14.65
N GLY A 88 18.73 21.28 13.83
CA GLY A 88 17.88 20.18 14.22
C GLY A 88 16.69 20.57 15.08
N GLU A 89 16.53 21.86 15.38
CA GLU A 89 15.40 22.31 16.20
C GLU A 89 14.08 22.04 15.48
N LYS A 90 13.11 21.52 16.23
CA LYS A 90 11.76 21.35 15.72
C LYS A 90 11.01 22.67 15.84
N VAL A 91 10.65 23.25 14.69
CA VAL A 91 10.06 24.58 14.69
C VAL A 91 8.58 24.52 15.01
N VAL A 92 7.84 23.61 14.37
CA VAL A 92 6.42 23.41 14.67
C VAL A 92 6.08 21.94 14.48
N ASP A 93 4.92 21.54 15.00
CA ASP A 93 4.52 20.14 15.06
C ASP A 93 3.02 20.14 15.34
N PHE A 94 2.21 19.98 14.31
CA PHE A 94 0.76 20.00 14.48
C PHE A 94 0.10 18.95 13.61
N GLU A 95 -1.03 18.43 14.09
CA GLU A 95 -1.89 17.60 13.27
C GLU A 95 -2.55 18.48 12.22
N ALA A 96 -2.29 18.18 10.95
CA ALA A 96 -2.77 19.01 9.85
C ALA A 96 -4.09 18.51 9.27
N HIS A 97 -4.30 17.21 9.23
CA HIS A 97 -5.49 16.60 8.67
C HIS A 97 -5.94 15.48 9.62
N PRO A 98 -7.17 15.01 9.47
CA PRO A 98 -7.58 13.80 10.23
C PRO A 98 -7.29 12.52 9.46
N ASP A 99 -6.33 12.56 8.55
CA ASP A 99 -5.97 11.39 7.76
C ASP A 99 -4.58 11.62 7.17
N TYR A 100 -4.09 10.64 6.41
CA TYR A 100 -2.74 10.66 5.88
C TYR A 100 -2.48 11.94 5.10
N ILE A 101 -1.23 12.40 5.13
CA ILE A 101 -0.75 13.48 4.27
C ILE A 101 0.01 12.84 3.11
N ARG A 102 -0.41 13.16 1.89
CA ARG A 102 0.16 12.56 0.69
C ARG A 102 1.21 13.44 0.01
N SER A 103 1.10 14.75 0.15
CA SER A 103 1.87 15.65 -0.69
C SER A 103 1.96 17.02 -0.04
N ILE A 104 3.11 17.66 -0.19
CA ILE A 104 3.35 19.01 0.31
C ILE A 104 3.99 19.83 -0.80
N ALA A 105 3.52 21.06 -0.97
CA ALA A 105 4.09 22.00 -1.92
C ALA A 105 4.35 23.34 -1.22
N VAL A 106 5.41 24.00 -1.63
CA VAL A 106 5.86 25.25 -1.01
C VAL A 106 5.77 26.35 -2.06
N HIS A 107 5.10 27.45 -1.69
CA HIS A 107 4.98 28.59 -2.59
C HIS A 107 6.34 29.26 -2.77
N PRO A 108 6.69 29.68 -4.00
CA PRO A 108 8.06 30.19 -4.22
C PRO A 108 8.35 31.55 -3.62
N THR A 109 7.33 32.37 -3.35
CA THR A 109 7.58 33.75 -2.93
C THR A 109 6.78 34.14 -1.69
N LYS A 110 5.64 33.50 -1.47
CA LYS A 110 4.80 33.80 -0.32
C LYS A 110 4.95 32.71 0.74
N PRO A 111 4.68 33.04 2.01
CA PRO A 111 4.88 32.09 3.11
C PRO A 111 3.77 31.04 3.22
N TYR A 112 3.48 30.36 2.11
CA TYR A 112 2.37 29.43 2.01
C TYR A 112 2.87 28.01 1.77
N VAL A 113 2.25 27.05 2.44
CA VAL A 113 2.48 25.63 2.21
C VAL A 113 1.14 24.95 1.95
N LEU A 114 1.09 24.09 0.94
CA LEU A 114 -0.08 23.26 0.66
C LEU A 114 0.18 21.84 1.10
N SER A 115 -0.84 21.21 1.69
CA SER A 115 -0.80 19.79 2.02
C SER A 115 -2.03 19.11 1.43
N GLY A 116 -1.81 18.01 0.73
CA GLY A 116 -2.89 17.18 0.20
C GLY A 116 -3.04 15.94 1.04
N SER A 117 -4.29 15.51 1.24
CA SER A 117 -4.58 14.52 2.27
C SER A 117 -5.64 13.54 1.81
N ASP A 118 -5.58 12.35 2.42
CA ASP A 118 -6.64 11.36 2.27
C ASP A 118 -7.98 11.84 2.82
N ASP A 119 -8.01 12.97 3.53
CA ASP A 119 -9.26 13.55 4.01
C ASP A 119 -10.00 14.30 2.92
N LEU A 120 -9.58 14.16 1.66
CA LEU A 120 -10.25 14.70 0.47
C LEU A 120 -10.00 16.19 0.26
N THR A 121 -9.10 16.81 1.02
CA THR A 121 -8.90 18.25 0.94
C THR A 121 -7.44 18.59 0.64
N VAL A 122 -7.25 19.82 0.18
CA VAL A 122 -5.96 20.51 0.23
C VAL A 122 -6.11 21.65 1.24
N LYS A 123 -5.08 21.84 2.07
CA LYS A 123 -5.09 22.90 3.07
C LYS A 123 -3.89 23.81 2.85
N LEU A 124 -4.09 25.10 3.12
CA LEU A 124 -3.09 26.12 2.91
C LEU A 124 -2.66 26.68 4.26
N TRP A 125 -1.36 26.65 4.53
CA TRP A 125 -0.79 27.08 5.81
C TRP A 125 0.13 28.26 5.58
N ASN A 126 0.07 29.24 6.48
CA ASN A 126 0.81 30.50 6.37
C ASN A 126 1.77 30.60 7.53
N TRP A 127 3.07 30.45 7.26
CA TRP A 127 4.03 30.43 8.36
C TRP A 127 4.39 31.81 8.88
N GLU A 128 3.92 32.88 8.23
CA GLU A 128 4.04 34.22 8.79
C GLU A 128 2.81 34.62 9.59
N ASN A 129 1.84 33.72 9.72
CA ASN A 129 0.65 33.89 10.56
C ASN A 129 0.55 32.74 11.54
N ASN A 130 1.69 32.35 12.12
CA ASN A 130 1.74 31.28 13.10
C ASN A 130 1.20 29.97 12.53
N TRP A 131 1.45 29.74 11.25
CA TRP A 131 1.05 28.53 10.55
C TRP A 131 -0.47 28.36 10.54
N ALA A 132 -1.18 29.49 10.50
CA ALA A 132 -2.64 29.46 10.45
C ALA A 132 -3.12 28.72 9.20
N LEU A 133 -4.18 27.96 9.37
CA LEU A 133 -4.94 27.43 8.24
C LEU A 133 -5.71 28.57 7.58
N GLU A 134 -5.27 28.97 6.39
CA GLU A 134 -5.88 30.10 5.70
C GLU A 134 -6.96 29.66 4.71
N GLN A 135 -6.94 28.41 4.26
CA GLN A 135 -7.96 27.94 3.34
C GLN A 135 -7.92 26.42 3.28
N THR A 136 -9.11 25.82 3.20
CA THR A 136 -9.27 24.41 2.88
C THR A 136 -9.99 24.33 1.53
N PHE A 137 -9.34 23.72 0.55
CA PHE A 137 -9.93 23.55 -0.78
C PHE A 137 -10.70 22.23 -0.80
N GLU A 138 -12.02 22.33 -1.00
CA GLU A 138 -12.92 21.19 -0.94
C GLU A 138 -13.58 20.98 -2.29
N GLY A 139 -13.81 19.70 -2.62
CA GLY A 139 -14.45 19.36 -3.87
C GLY A 139 -14.02 18.02 -4.45
N HIS A 140 -12.83 17.57 -4.08
CA HIS A 140 -12.40 16.24 -4.51
C HIS A 140 -13.21 15.16 -3.79
N GLU A 141 -13.30 14.00 -4.42
CA GLU A 141 -14.12 12.90 -3.92
C GLU A 141 -13.30 11.65 -3.60
N HIS A 142 -11.99 11.80 -3.42
CA HIS A 142 -11.10 10.70 -3.05
C HIS A 142 -9.81 11.34 -2.53
N PHE A 143 -8.84 10.48 -2.19
CA PHE A 143 -7.58 10.95 -1.65
C PHE A 143 -6.90 11.92 -2.61
N VAL A 144 -6.44 13.05 -2.09
CA VAL A 144 -5.64 13.98 -2.87
C VAL A 144 -4.19 13.50 -2.78
N MET A 145 -3.63 13.07 -3.91
CA MET A 145 -2.34 12.39 -3.92
C MET A 145 -1.16 13.31 -4.16
N CYS A 146 -1.37 14.45 -4.82
CA CYS A 146 -0.27 15.28 -5.24
C CYS A 146 -0.77 16.70 -5.47
N VAL A 147 -0.01 17.68 -5.00
CA VAL A 147 -0.32 19.10 -5.20
C VAL A 147 0.92 19.79 -5.76
N ALA A 148 0.71 20.74 -6.66
CA ALA A 148 1.81 21.43 -7.30
C ALA A 148 1.37 22.83 -7.71
N PHE A 149 2.15 23.83 -7.29
CA PHE A 149 1.93 25.20 -7.75
C PHE A 149 2.29 25.31 -9.23
N ASN A 150 1.55 26.15 -9.94
CA ASN A 150 1.94 26.52 -11.29
C ASN A 150 3.18 27.40 -11.20
N PRO A 151 4.35 26.96 -11.67
CA PRO A 151 5.55 27.81 -11.53
C PRO A 151 5.44 29.12 -12.28
N LYS A 152 4.58 29.19 -13.30
CA LYS A 152 4.41 30.40 -14.08
C LYS A 152 3.32 31.31 -13.53
N ASP A 153 2.54 30.84 -12.56
CA ASP A 153 1.52 31.65 -11.91
C ASP A 153 1.20 30.99 -10.57
N PRO A 154 2.06 31.16 -9.55
CA PRO A 154 1.83 30.45 -8.29
C PRO A 154 0.61 30.90 -7.50
N SER A 155 -0.19 31.82 -8.03
CA SER A 155 -1.51 32.06 -7.44
C SER A 155 -2.47 30.92 -7.74
N THR A 156 -2.11 30.03 -8.66
CA THR A 156 -2.88 28.83 -8.93
C THR A 156 -2.03 27.60 -8.65
N PHE A 157 -2.71 26.48 -8.39
CA PHE A 157 -2.04 25.20 -8.18
C PHE A 157 -2.97 24.10 -8.64
N ALA A 158 -2.40 22.92 -8.84
CA ALA A 158 -3.13 21.75 -9.31
C ALA A 158 -3.08 20.64 -8.26
N SER A 159 -4.19 19.95 -8.09
CA SER A 159 -4.29 18.79 -7.22
C SER A 159 -4.68 17.57 -8.04
N GLY A 160 -3.90 16.49 -7.91
CA GLY A 160 -4.22 15.22 -8.53
C GLY A 160 -4.85 14.29 -7.52
N CYS A 161 -5.89 13.57 -7.94
CA CYS A 161 -6.76 12.89 -6.99
C CYS A 161 -7.14 11.51 -7.51
N LEU A 162 -7.36 10.59 -6.57
CA LEU A 162 -7.82 9.25 -6.92
C LEU A 162 -9.26 9.23 -7.40
N ASP A 163 -9.97 10.37 -7.38
CA ASP A 163 -11.28 10.48 -8.01
C ASP A 163 -11.16 10.67 -9.53
N ARG A 164 -9.97 10.48 -10.09
CA ARG A 164 -9.71 10.50 -11.53
C ARG A 164 -9.76 11.90 -12.11
N THR A 165 -9.58 12.93 -11.30
CA THR A 165 -9.55 14.30 -11.79
C THR A 165 -8.30 15.02 -11.31
N VAL A 166 -7.90 16.03 -12.08
CA VAL A 166 -7.01 17.09 -11.63
C VAL A 166 -7.85 18.36 -11.51
N LYS A 167 -7.77 19.00 -10.36
CA LYS A 167 -8.44 20.28 -10.14
C LYS A 167 -7.40 21.38 -10.01
N VAL A 168 -7.63 22.49 -10.71
CA VAL A 168 -6.76 23.65 -10.67
C VAL A 168 -7.50 24.76 -9.93
N TRP A 169 -6.86 25.31 -8.91
CA TRP A 169 -7.48 26.28 -8.03
C TRP A 169 -6.75 27.61 -8.08
N SER A 170 -7.42 28.65 -7.57
CA SER A 170 -6.81 29.94 -7.31
C SER A 170 -6.84 30.22 -5.82
N LEU A 171 -5.76 30.78 -5.29
CA LEU A 171 -5.71 31.12 -3.87
C LEU A 171 -6.80 32.13 -3.54
N GLY A 172 -7.55 31.87 -2.47
CA GLY A 172 -8.63 32.72 -2.06
C GLY A 172 -9.97 32.41 -2.70
N GLN A 173 -10.03 31.42 -3.59
CA GLN A 173 -11.23 31.07 -4.33
C GLN A 173 -11.65 29.66 -3.94
N SER A 174 -12.91 29.53 -3.50
CA SER A 174 -13.34 28.28 -2.88
C SER A 174 -13.69 27.19 -3.90
N THR A 175 -14.01 27.56 -5.15
CA THR A 175 -14.30 26.56 -6.16
C THR A 175 -13.20 26.52 -7.21
N PRO A 176 -12.87 25.35 -7.74
CA PRO A 176 -11.76 25.27 -8.71
C PRO A 176 -12.05 26.09 -9.95
N ASN A 177 -10.97 26.55 -10.60
CA ASN A 177 -11.11 27.17 -11.91
C ASN A 177 -11.65 26.16 -12.92
N PHE A 178 -11.14 24.93 -12.88
CA PHE A 178 -11.64 23.88 -13.76
C PHE A 178 -11.22 22.52 -13.21
N THR A 179 -11.91 21.48 -13.69
CA THR A 179 -11.65 20.11 -13.33
C THR A 179 -11.34 19.32 -14.60
N LEU A 180 -10.19 18.67 -14.63
CA LEU A 180 -9.83 17.78 -15.73
C LEU A 180 -10.25 16.36 -15.39
N THR A 181 -11.09 15.77 -16.23
CA THR A 181 -11.38 14.34 -16.16
C THR A 181 -10.30 13.62 -16.95
N THR A 182 -9.47 12.84 -16.27
CA THR A 182 -8.28 12.31 -16.90
C THR A 182 -8.53 11.06 -17.74
N GLY A 183 -9.68 10.41 -17.56
CA GLY A 183 -9.86 9.11 -18.17
C GLY A 183 -8.98 8.03 -17.59
N GLN A 184 -8.25 8.33 -16.52
CA GLN A 184 -7.35 7.38 -15.87
C GLN A 184 -8.13 6.73 -14.74
N GLU A 185 -8.88 5.68 -15.09
CA GLU A 185 -9.94 5.19 -14.23
C GLU A 185 -9.45 4.70 -12.88
N ARG A 186 -8.15 4.43 -12.75
CA ARG A 186 -7.59 4.07 -11.45
C ARG A 186 -7.25 5.29 -10.61
N GLY A 187 -7.44 6.49 -11.13
CA GLY A 187 -7.15 7.72 -10.41
C GLY A 187 -5.78 8.28 -10.77
N VAL A 188 -5.54 9.49 -10.26
CA VAL A 188 -4.32 10.23 -10.56
C VAL A 188 -3.39 10.14 -9.36
N ASN A 189 -2.17 9.62 -9.59
CA ASN A 189 -1.16 9.52 -8.54
C ASN A 189 -0.29 10.76 -8.44
N TYR A 190 -0.16 11.52 -9.52
CA TYR A 190 0.85 12.56 -9.60
C TYR A 190 0.42 13.58 -10.63
N VAL A 191 0.81 14.84 -10.41
CA VAL A 191 0.58 15.92 -11.36
C VAL A 191 1.76 16.88 -11.30
N ASP A 192 2.15 17.40 -12.47
CA ASP A 192 3.30 18.29 -12.56
C ASP A 192 3.09 19.26 -13.72
N TYR A 193 3.69 20.44 -13.61
CA TYR A 193 3.58 21.47 -14.62
C TYR A 193 4.82 21.50 -15.51
N TYR A 194 4.60 21.71 -16.80
CA TYR A 194 5.69 22.09 -17.69
C TYR A 194 6.20 23.47 -17.26
N PRO A 195 7.51 23.64 -17.06
CA PRO A 195 8.00 24.86 -16.43
C PRO A 195 8.12 26.06 -17.35
N LEU A 196 8.25 25.86 -18.66
CA LEU A 196 8.56 26.99 -19.53
C LEU A 196 7.28 27.54 -20.17
N PRO A 197 7.29 28.83 -20.54
CA PRO A 197 6.06 29.47 -21.02
C PRO A 197 5.66 29.12 -22.45
N ASP A 198 6.46 28.34 -23.18
CA ASP A 198 6.11 28.04 -24.57
C ASP A 198 4.95 27.05 -24.68
N LYS A 199 4.64 26.31 -23.62
CA LYS A 199 3.55 25.33 -23.65
C LYS A 199 2.79 25.36 -22.34
N PRO A 200 1.44 25.45 -22.38
CA PRO A 200 0.64 25.41 -21.14
C PRO A 200 0.29 23.98 -20.75
N TYR A 201 1.29 23.19 -20.38
CA TYR A 201 1.14 21.76 -20.24
C TYR A 201 1.25 21.29 -18.79
N MET A 202 0.55 20.19 -18.51
CA MET A 202 0.61 19.48 -17.26
CA MET A 202 0.67 19.48 -17.25
C MET A 202 0.73 17.99 -17.58
N ILE A 203 1.11 17.20 -16.59
CA ILE A 203 1.34 15.77 -16.82
C ILE A 203 0.84 14.99 -15.61
N THR A 204 0.18 13.85 -15.88
CA THR A 204 -0.42 13.02 -14.84
C THR A 204 0.03 11.57 -15.01
N ALA A 205 0.12 10.87 -13.89
CA ALA A 205 0.50 9.47 -13.84
C ALA A 205 -0.56 8.69 -13.08
N SER A 206 -0.76 7.44 -13.48
CA SER A 206 -1.86 6.64 -12.95
C SER A 206 -1.45 5.19 -12.79
N ASP A 207 -2.18 4.48 -11.90
CA ASP A 207 -2.05 3.04 -11.78
C ASP A 207 -2.53 2.31 -13.02
N ASP A 208 -3.31 2.96 -13.88
CA ASP A 208 -3.76 2.34 -15.13
C ASP A 208 -2.65 2.25 -16.17
N LEU A 209 -1.42 2.59 -15.80
CA LEU A 209 -0.19 2.43 -16.57
C LEU A 209 0.04 3.55 -17.57
N THR A 210 -0.80 4.59 -17.61
CA THR A 210 -0.63 5.66 -18.58
C THR A 210 -0.02 6.90 -17.94
N ILE A 211 0.74 7.63 -18.75
CA ILE A 211 1.15 9.00 -18.46
C ILE A 211 0.48 9.88 -19.52
N LYS A 212 -0.19 10.93 -19.06
CA LYS A 212 -0.97 11.80 -19.94
C LYS A 212 -0.52 13.24 -19.81
N ILE A 213 -0.30 13.89 -20.96
CA ILE A 213 0.06 15.29 -21.01
C ILE A 213 -1.19 16.09 -21.36
N TRP A 214 -1.43 17.16 -20.61
CA TRP A 214 -2.64 17.96 -20.73
C TRP A 214 -2.29 19.40 -21.09
N ASP A 215 -3.13 20.02 -21.92
CA ASP A 215 -3.06 21.44 -22.21
C ASP A 215 -4.10 22.12 -21.32
N TYR A 216 -3.64 22.90 -20.34
CA TYR A 216 -4.59 23.47 -19.40
C TYR A 216 -5.29 24.72 -19.92
N GLN A 217 -5.01 25.13 -21.15
CA GLN A 217 -5.79 26.17 -21.81
C GLN A 217 -6.97 25.58 -22.58
N THR A 218 -6.71 24.50 -23.34
CA THR A 218 -7.76 23.81 -24.06
C THR A 218 -8.41 22.69 -23.26
N LYS A 219 -7.86 22.36 -22.08
CA LYS A 219 -8.37 21.26 -21.26
C LYS A 219 -8.41 19.95 -22.05
N SER A 220 -7.52 19.81 -23.02
CA SER A 220 -7.45 18.65 -23.88
C SER A 220 -6.23 17.81 -23.52
N CYS A 221 -6.27 16.54 -23.91
CA CYS A 221 -5.16 15.62 -23.73
C CYS A 221 -4.26 15.69 -24.96
N VAL A 222 -3.00 16.04 -24.75
CA VAL A 222 -2.07 16.25 -25.85
C VAL A 222 -1.44 14.94 -26.31
N ALA A 223 -1.17 14.04 -25.37
CA ALA A 223 -0.47 12.80 -25.67
C ALA A 223 -0.64 11.85 -24.49
N THR A 224 -0.55 10.55 -24.79
CA THR A 224 -0.57 9.51 -23.76
C THR A 224 0.69 8.67 -23.94
N LEU A 225 1.47 8.54 -22.87
CA LEU A 225 2.73 7.81 -22.90
C LEU A 225 2.51 6.45 -22.22
N GLU A 226 2.70 5.38 -22.99
CA GLU A 226 2.55 4.03 -22.48
C GLU A 226 3.88 3.29 -22.59
N GLY A 227 4.08 2.32 -21.71
CA GLY A 227 5.32 1.59 -21.68
C GLY A 227 5.59 0.94 -20.33
N HIS A 228 5.18 1.59 -19.25
CA HIS A 228 5.35 1.00 -17.94
C HIS A 228 4.43 -0.20 -17.78
N MET A 229 4.88 -1.17 -17.00
CA MET A 229 4.18 -2.44 -16.84
C MET A 229 3.46 -2.57 -15.51
N SER A 230 3.68 -1.65 -14.57
CA SER A 230 2.98 -1.64 -13.29
C SER A 230 2.71 -0.18 -12.93
N ASN A 231 2.04 0.02 -11.80
CA ASN A 231 1.64 1.35 -11.36
C ASN A 231 2.73 2.38 -11.63
N VAL A 232 2.36 3.47 -12.30
CA VAL A 232 3.25 4.60 -12.51
C VAL A 232 3.16 5.50 -11.30
N SER A 233 4.27 5.63 -10.56
CA SER A 233 4.24 6.41 -9.34
C SER A 233 4.30 7.91 -9.60
N PHE A 234 4.94 8.33 -10.69
CA PHE A 234 5.15 9.75 -10.92
C PHE A 234 5.56 9.96 -12.38
N ALA A 235 5.41 11.20 -12.83
CA ALA A 235 5.90 11.64 -14.12
C ALA A 235 6.06 13.16 -14.06
N VAL A 236 7.24 13.66 -14.45
CA VAL A 236 7.54 15.07 -14.36
C VAL A 236 8.29 15.53 -15.60
N PHE A 237 8.13 16.80 -15.93
CA PHE A 237 8.98 17.47 -16.91
C PHE A 237 10.30 17.85 -16.27
N HIS A 238 11.39 17.66 -17.01
CA HIS A 238 12.68 18.16 -16.55
C HIS A 238 12.74 19.67 -16.72
N PRO A 239 13.30 20.41 -15.75
CA PRO A 239 13.22 21.87 -15.83
C PRO A 239 14.02 22.49 -16.97
N THR A 240 15.07 21.83 -17.45
CA THR A 240 15.93 22.42 -18.46
C THR A 240 16.15 21.56 -19.70
N LEU A 241 15.99 20.24 -19.61
CA LEU A 241 16.16 19.38 -20.77
C LEU A 241 14.80 18.99 -21.34
N PRO A 242 14.70 18.78 -22.66
CA PRO A 242 13.40 18.43 -23.27
C PRO A 242 13.04 16.96 -23.06
N ILE A 243 12.87 16.57 -21.80
CA ILE A 243 12.58 15.18 -21.45
C ILE A 243 11.54 15.12 -20.34
N ILE A 244 10.93 13.95 -20.22
CA ILE A 244 10.01 13.61 -19.14
C ILE A 244 10.62 12.41 -18.41
N ILE A 245 10.50 12.39 -17.09
CA ILE A 245 10.98 11.29 -16.27
C ILE A 245 9.81 10.70 -15.50
N SER A 246 9.67 9.38 -15.59
CA SER A 246 8.62 8.66 -14.89
C SER A 246 9.25 7.50 -14.10
N GLY A 247 8.51 7.02 -13.13
CA GLY A 247 8.96 5.89 -12.32
C GLY A 247 7.78 5.03 -11.94
N SER A 248 8.03 3.74 -11.76
CA SER A 248 6.96 2.77 -11.68
C SER A 248 7.29 1.71 -10.65
N GLU A 249 6.24 1.06 -10.16
CA GLU A 249 6.41 -0.13 -9.35
C GLU A 249 6.95 -1.31 -10.15
N ASP A 250 7.16 -1.15 -11.45
CA ASP A 250 7.85 -2.17 -12.24
C ASP A 250 9.37 -2.10 -12.06
N GLY A 251 9.86 -1.17 -11.23
CA GLY A 251 11.26 -1.09 -10.91
C GLY A 251 12.10 -0.20 -11.79
N THR A 252 11.50 0.45 -12.79
CA THR A 252 12.24 1.19 -13.79
C THR A 252 11.95 2.68 -13.73
N LEU A 253 12.97 3.47 -14.07
CA LEU A 253 12.78 4.85 -14.46
C LEU A 253 12.79 4.92 -16.00
N LYS A 254 11.90 5.72 -16.56
CA LYS A 254 11.86 5.93 -18.00
C LYS A 254 12.10 7.40 -18.29
N ILE A 255 12.97 7.66 -19.27
CA ILE A 255 13.25 9.00 -19.77
C ILE A 255 12.61 9.11 -21.15
N TRP A 256 11.68 10.06 -21.30
CA TRP A 256 10.94 10.23 -22.54
C TRP A 256 11.33 11.56 -23.19
N ASN A 257 11.41 11.56 -24.52
CA ASN A 257 11.53 12.80 -25.28
C ASN A 257 10.24 13.61 -25.14
N SER A 258 10.36 14.87 -24.73
CA SER A 258 9.18 15.67 -24.43
C SER A 258 8.57 16.34 -25.67
N SER A 259 9.17 16.19 -26.84
CA SER A 259 8.55 16.64 -28.08
C SER A 259 7.92 15.48 -28.85
N THR A 260 8.64 14.38 -28.99
CA THR A 260 8.13 13.22 -29.71
C THR A 260 7.44 12.21 -28.81
N TYR A 261 7.67 12.29 -27.50
CA TYR A 261 7.05 11.39 -26.53
C TYR A 261 7.46 9.94 -26.73
N LYS A 262 8.62 9.71 -27.32
CA LYS A 262 9.20 8.38 -27.44
C LYS A 262 10.13 8.12 -26.27
N VAL A 263 10.07 6.91 -25.73
CA VAL A 263 10.99 6.55 -24.65
C VAL A 263 12.41 6.58 -25.18
N GLU A 264 13.29 7.29 -24.46
CA GLU A 264 14.70 7.34 -24.79
C GLU A 264 15.53 6.37 -23.98
N LYS A 265 15.16 6.13 -22.72
CA LYS A 265 15.91 5.25 -21.84
C LYS A 265 14.98 4.63 -20.82
N THR A 266 15.21 3.35 -20.53
CA THR A 266 14.55 2.64 -19.44
C THR A 266 15.63 2.10 -18.52
N LEU A 267 15.66 2.60 -17.28
CA LEU A 267 16.71 2.31 -16.33
C LEU A 267 16.16 1.43 -15.20
N ASN A 268 16.80 0.28 -14.99
CA ASN A 268 16.62 -0.51 -13.77
C ASN A 268 17.74 -0.10 -12.83
N VAL A 269 17.43 0.77 -11.86
CA VAL A 269 18.47 1.23 -10.95
C VAL A 269 18.79 0.21 -9.86
N GLY A 270 18.02 -0.87 -9.79
CA GLY A 270 18.37 -1.96 -8.90
C GLY A 270 17.95 -1.76 -7.46
N LEU A 271 16.93 -0.95 -7.21
CA LEU A 271 16.44 -0.70 -5.86
C LEU A 271 14.97 -1.09 -5.73
N GLU A 272 14.45 -1.89 -6.66
CA GLU A 272 13.06 -2.34 -6.66
C GLU A 272 12.12 -1.18 -6.99
N ARG A 273 10.94 -1.13 -6.39
CA ARG A 273 9.90 -0.22 -6.84
C ARG A 273 10.33 1.23 -6.67
N SER A 274 10.00 2.05 -7.67
CA SER A 274 10.25 3.49 -7.65
C SER A 274 9.01 4.22 -7.14
N TRP A 275 9.21 5.16 -6.22
CA TRP A 275 8.12 5.81 -5.52
C TRP A 275 8.05 7.32 -5.71
N CYS A 276 9.18 8.01 -5.73
CA CYS A 276 9.17 9.47 -5.71
C CYS A 276 10.30 10.02 -6.57
N ILE A 277 10.20 11.31 -6.89
CA ILE A 277 11.09 11.94 -7.86
C ILE A 277 11.34 13.38 -7.42
N ALA A 278 12.52 13.88 -7.75
CA ALA A 278 12.81 15.30 -7.66
C ALA A 278 13.79 15.67 -8.76
N THR A 279 13.71 16.92 -9.19
CA THR A 279 14.65 17.49 -10.15
C THR A 279 15.26 18.75 -9.54
N HIS A 280 16.50 19.02 -9.85
CA HIS A 280 17.13 20.22 -9.31
C HIS A 280 16.41 21.43 -9.88
N PRO A 281 15.88 22.34 -9.05
CA PRO A 281 14.97 23.36 -9.57
C PRO A 281 15.55 24.21 -10.69
N THR A 282 16.87 24.43 -10.69
CA THR A 282 17.51 25.25 -11.72
C THR A 282 18.38 24.42 -12.66
N GLY A 283 18.17 23.11 -12.71
CA GLY A 283 18.89 22.27 -13.65
C GLY A 283 20.37 22.15 -13.41
N ARG A 284 20.83 22.37 -12.18
CA ARG A 284 22.25 22.23 -11.88
C ARG A 284 22.70 20.81 -12.22
N LYS A 285 23.62 20.69 -13.18
CA LYS A 285 24.10 19.41 -13.69
C LYS A 285 22.96 18.53 -14.18
N ASN A 286 21.78 19.11 -14.38
CA ASN A 286 20.60 18.34 -14.80
C ASN A 286 20.33 17.20 -13.83
N TYR A 287 20.60 17.46 -12.55
CA TYR A 287 20.41 16.45 -11.52
C TYR A 287 18.95 16.01 -11.43
N ILE A 288 18.76 14.70 -11.30
CA ILE A 288 17.48 14.14 -10.86
C ILE A 288 17.75 13.15 -9.75
N ALA A 289 16.73 12.89 -8.94
CA ALA A 289 16.82 11.94 -7.85
C ALA A 289 15.48 11.22 -7.70
N SER A 290 15.54 9.93 -7.42
CA SER A 290 14.36 9.11 -7.24
C SER A 290 14.53 8.22 -6.02
N GLY A 291 13.45 8.04 -5.27
CA GLY A 291 13.43 7.18 -4.11
C GLY A 291 12.75 5.86 -4.43
N PHE A 292 13.27 4.78 -3.83
CA PHE A 292 12.84 3.43 -4.12
C PHE A 292 12.61 2.66 -2.83
N ASP A 293 12.12 1.43 -2.97
CA ASP A 293 12.00 0.52 -1.84
C ASP A 293 13.27 0.46 -1.01
N ASN A 294 14.44 0.48 -1.67
CA ASN A 294 15.69 0.12 -1.03
C ASN A 294 16.69 1.27 -1.03
N GLY A 295 16.25 2.49 -1.25
CA GLY A 295 17.12 3.65 -1.17
C GLY A 295 16.79 4.65 -2.26
N PHE A 296 17.77 5.50 -2.55
CA PHE A 296 17.61 6.54 -3.56
C PHE A 296 18.88 6.66 -4.39
N THR A 297 18.73 7.24 -5.58
CA THR A 297 19.86 7.46 -6.46
C THR A 297 19.78 8.88 -7.00
N VAL A 298 20.95 9.52 -7.15
CA VAL A 298 21.07 10.83 -7.77
C VAL A 298 21.82 10.67 -9.08
N LEU A 299 21.23 11.15 -10.16
CA LEU A 299 21.79 11.02 -11.50
C LEU A 299 22.00 12.39 -12.12
N SER A 300 23.12 12.55 -12.81
CA SER A 300 23.35 13.69 -13.69
C SER A 300 23.00 13.25 -15.12
N LEU A 301 22.07 13.95 -15.75
CA LEU A 301 21.53 13.48 -17.02
C LEU A 301 22.37 13.90 -18.21
N GLY A 302 23.27 14.87 -18.05
CA GLY A 302 24.15 15.26 -19.13
C GLY A 302 24.88 16.56 -18.87
N MET B 2 10.30 -5.75 -9.72
CA MET B 2 11.01 -7.06 -9.73
C MET B 2 10.26 -8.10 -10.56
N LYS B 3 11.02 -8.88 -11.32
CA LYS B 3 10.47 -9.86 -12.24
C LYS B 3 10.13 -11.16 -11.52
N LEU B 4 9.11 -11.85 -12.03
CA LEU B 4 8.72 -13.13 -11.45
C LEU B 4 9.77 -14.19 -11.78
N ASP B 5 10.28 -14.85 -10.73
CA ASP B 5 11.18 -15.99 -10.89
C ASP B 5 10.85 -16.94 -9.75
N ILE B 6 9.86 -17.80 -9.99
CA ILE B 6 9.24 -18.58 -8.92
C ILE B 6 10.09 -19.79 -8.61
N LYS B 7 10.40 -19.98 -7.33
CA LYS B 7 11.15 -21.13 -6.85
C LYS B 7 10.36 -21.80 -5.73
N LYS B 8 10.28 -23.12 -5.77
CA LYS B 8 9.69 -23.87 -4.66
C LYS B 8 10.68 -23.90 -3.51
N THR B 9 10.36 -23.21 -2.41
CA THR B 9 11.23 -23.21 -1.25
C THR B 9 11.09 -24.48 -0.44
N PHE B 10 9.85 -24.95 -0.26
CA PHE B 10 9.59 -26.12 0.58
C PHE B 10 8.16 -26.58 0.34
N SER B 11 7.96 -27.89 0.35
CA SER B 11 6.64 -28.49 0.20
C SER B 11 6.55 -29.71 1.10
N ASN B 12 5.36 -29.93 1.68
CA ASN B 12 5.14 -31.03 2.59
C ASN B 12 3.79 -31.67 2.32
N ARG B 13 3.79 -32.99 2.15
CA ARG B 13 2.55 -33.74 2.00
C ARG B 13 1.92 -33.96 3.38
N SER B 14 0.62 -33.73 3.47
CA SER B 14 -0.11 -33.88 4.72
C SER B 14 -1.60 -33.98 4.41
N ASP B 15 -2.39 -34.19 5.45
CA ASP B 15 -3.83 -34.07 5.30
C ASP B 15 -4.19 -32.64 4.91
N ARG B 16 -5.46 -32.45 4.56
CA ARG B 16 -5.90 -31.19 4.00
C ARG B 16 -5.56 -30.02 4.92
N VAL B 17 -4.96 -28.98 4.35
CA VAL B 17 -4.54 -27.80 5.09
C VAL B 17 -5.62 -26.73 4.94
N ALA B 18 -6.18 -26.30 6.06
CA ALA B 18 -7.27 -25.32 6.06
C ALA B 18 -6.82 -23.93 6.48
N GLY B 19 -5.73 -23.81 7.21
CA GLY B 19 -5.21 -22.50 7.60
C GLY B 19 -3.70 -22.50 7.54
N ILE B 20 -3.13 -21.34 7.24
CA ILE B 20 -1.68 -21.20 7.08
C ILE B 20 -1.29 -19.77 7.42
N ASP B 21 -0.10 -19.61 7.97
CA ASP B 21 0.36 -18.30 8.42
C ASP B 21 1.88 -18.28 8.55
N PHE B 22 2.47 -17.13 8.24
CA PHE B 22 3.91 -16.91 8.35
C PHE B 22 4.26 -16.28 9.69
N HIS B 23 5.35 -16.73 10.30
CA HIS B 23 5.93 -16.00 11.43
C HIS B 23 6.73 -14.81 10.90
N PRO B 24 6.69 -13.66 11.59
CA PRO B 24 7.35 -12.47 11.04
C PRO B 24 8.86 -12.42 11.18
N THR B 25 9.47 -13.14 12.12
CA THR B 25 10.90 -13.08 12.33
C THR B 25 11.57 -14.44 12.27
N GLU B 26 10.86 -15.50 12.59
CA GLU B 26 11.39 -16.84 12.37
C GLU B 26 11.01 -17.32 10.98
N PRO B 27 11.85 -18.13 10.33
CA PRO B 27 11.48 -18.68 9.02
C PRO B 27 10.50 -19.84 9.16
N TRP B 28 9.33 -19.54 9.72
CA TRP B 28 8.34 -20.54 10.09
C TRP B 28 7.03 -20.30 9.34
N VAL B 29 6.31 -21.39 9.11
CA VAL B 29 4.93 -21.34 8.64
C VAL B 29 4.10 -22.25 9.54
N LEU B 30 2.97 -21.73 10.02
CA LEU B 30 2.01 -22.50 10.79
C LEU B 30 0.94 -23.05 9.85
N THR B 31 0.61 -24.33 10.00
CA THR B 31 -0.47 -24.95 9.25
C THR B 31 -1.45 -25.60 10.21
N THR B 32 -2.74 -25.48 9.89
CA THR B 32 -3.82 -26.11 10.64
C THR B 32 -4.56 -27.04 9.70
N LEU B 33 -4.80 -28.28 10.15
CA LEU B 33 -5.23 -29.36 9.28
C LEU B 33 -6.66 -29.79 9.58
N TYR B 34 -7.28 -30.44 8.60
CA TYR B 34 -8.61 -31.02 8.79
C TYR B 34 -8.59 -32.17 9.79
N SER B 35 -7.42 -32.76 10.05
CA SER B 35 -7.29 -33.86 11.00
C SER B 35 -7.30 -33.39 12.44
N GLY B 36 -7.35 -32.08 12.70
CA GLY B 36 -7.24 -31.56 14.04
C GLY B 36 -5.83 -31.29 14.49
N ARG B 37 -4.85 -31.54 13.63
CA ARG B 37 -3.45 -31.31 13.95
C ARG B 37 -3.02 -29.94 13.44
N VAL B 38 -2.15 -29.29 14.21
CA VAL B 38 -1.50 -28.06 13.77
C VAL B 38 0.01 -28.26 13.86
N GLU B 39 0.72 -27.64 12.93
CA GLU B 39 2.15 -27.87 12.74
C GLU B 39 2.85 -26.55 12.49
N ILE B 40 4.05 -26.40 13.05
CA ILE B 40 4.95 -25.30 12.74
C ILE B 40 6.15 -25.89 12.01
N TRP B 41 6.41 -25.38 10.80
CA TRP B 41 7.50 -25.86 9.96
C TRP B 41 8.51 -24.75 9.73
N ASN B 42 9.79 -25.10 9.82
CA ASN B 42 10.88 -24.23 9.38
C ASN B 42 11.12 -24.55 7.91
N TYR B 43 10.67 -23.65 7.01
CA TYR B 43 10.77 -23.93 5.58
C TYR B 43 12.17 -23.71 5.02
N GLU B 44 13.08 -23.15 5.81
CA GLU B 44 14.45 -22.96 5.34
C GLU B 44 15.33 -24.15 5.68
N THR B 45 15.25 -24.65 6.90
CA THR B 45 15.89 -25.91 7.25
C THR B 45 15.03 -27.12 6.89
N GLN B 46 13.73 -26.91 6.61
CA GLN B 46 12.86 -27.96 6.11
C GLN B 46 12.61 -29.04 7.16
N VAL B 47 12.24 -28.60 8.37
CA VAL B 47 11.97 -29.51 9.47
C VAL B 47 10.75 -29.01 10.23
N GLU B 48 10.02 -29.96 10.83
CA GLU B 48 8.88 -29.65 11.69
C GLU B 48 9.39 -29.20 13.06
N VAL B 49 9.06 -27.97 13.44
CA VAL B 49 9.52 -27.44 14.72
C VAL B 49 8.68 -27.98 15.86
N ARG B 50 7.37 -28.11 15.64
CA ARG B 50 6.44 -28.50 16.69
C ARG B 50 5.12 -28.86 16.03
N SER B 51 4.45 -29.86 16.59
CA SER B 51 3.10 -30.22 16.14
C SER B 51 2.27 -30.60 17.36
N ILE B 52 0.97 -30.31 17.28
CA ILE B 52 0.04 -30.49 18.37
C ILE B 52 -1.25 -31.09 17.82
N GLN B 53 -1.66 -32.24 18.36
CA GLN B 53 -2.98 -32.78 18.07
C GLN B 53 -3.97 -32.02 18.93
N VAL B 54 -4.56 -30.98 18.34
CA VAL B 54 -5.37 -30.04 19.10
C VAL B 54 -6.75 -30.61 19.41
N THR B 55 -7.31 -31.35 18.47
CA THR B 55 -8.67 -31.88 18.59
C THR B 55 -8.82 -32.95 17.51
N GLU B 56 -9.99 -33.58 17.49
CA GLU B 56 -10.30 -34.55 16.45
C GLU B 56 -11.06 -33.93 15.28
N THR B 57 -11.47 -32.68 15.39
CA THR B 57 -12.20 -31.96 14.37
C THR B 57 -11.26 -31.13 13.52
N PRO B 58 -11.72 -30.65 12.36
CA PRO B 58 -10.91 -29.72 11.58
C PRO B 58 -10.58 -28.45 12.33
N VAL B 59 -9.40 -27.91 12.07
CA VAL B 59 -8.95 -26.63 12.60
C VAL B 59 -8.82 -25.69 11.40
N ARG B 60 -9.80 -24.82 11.20
CA ARG B 60 -9.83 -23.99 10.00
C ARG B 60 -9.05 -22.69 10.12
N ALA B 61 -8.81 -22.22 11.34
CA ALA B 61 -8.20 -20.91 11.56
C ALA B 61 -6.97 -21.05 12.43
N GLY B 62 -5.92 -20.32 12.07
CA GLY B 62 -4.67 -20.36 12.81
C GLY B 62 -3.78 -19.17 12.52
N LYS B 63 -3.30 -18.49 13.56
CA LYS B 63 -2.45 -17.33 13.40
C LYS B 63 -1.35 -17.36 14.46
N PHE B 64 -0.19 -16.84 14.08
CA PHE B 64 0.84 -16.51 15.06
C PHE B 64 0.45 -15.24 15.82
N ILE B 65 0.74 -15.21 17.11
CA ILE B 65 0.78 -13.96 17.87
C ILE B 65 2.22 -13.81 18.33
N ALA B 66 3.09 -13.37 17.41
CA ALA B 66 4.52 -13.44 17.64
C ALA B 66 4.94 -12.66 18.88
N ARG B 67 4.33 -11.50 19.11
CA ARG B 67 4.75 -10.67 20.24
C ARG B 67 4.43 -11.31 21.59
N LYS B 68 3.66 -12.39 21.61
CA LYS B 68 3.43 -13.16 22.83
C LYS B 68 3.97 -14.58 22.72
N ASN B 69 4.62 -14.92 21.62
CA ASN B 69 5.12 -16.27 21.37
C ASN B 69 3.99 -17.30 21.43
N TRP B 70 2.83 -16.92 20.90
CA TRP B 70 1.67 -17.78 20.85
C TRP B 70 1.31 -18.15 19.41
N ILE B 71 0.60 -19.27 19.29
CA ILE B 71 -0.28 -19.52 18.15
C ILE B 71 -1.69 -19.55 18.70
N ILE B 72 -2.65 -19.09 17.89
CA ILE B 72 -4.07 -19.14 18.23
C ILE B 72 -4.78 -19.88 17.11
N VAL B 73 -5.63 -20.84 17.49
CA VAL B 73 -6.30 -21.71 16.52
C VAL B 73 -7.77 -21.83 16.88
N GLY B 74 -8.60 -21.99 15.86
CA GLY B 74 -10.02 -22.22 16.04
C GLY B 74 -10.47 -23.41 15.23
N SER B 75 -11.40 -24.18 15.80
CA SER B 75 -11.72 -25.50 15.29
C SER B 75 -13.23 -25.72 15.26
N ASP B 76 -13.63 -26.78 14.55
CA ASP B 76 -15.04 -27.11 14.38
C ASP B 76 -15.71 -27.57 15.68
N ASP B 77 -14.93 -27.85 16.72
CA ASP B 77 -15.50 -28.13 18.04
C ASP B 77 -15.92 -26.86 18.76
N PHE B 78 -15.88 -25.72 18.06
CA PHE B 78 -16.39 -24.43 18.53
C PHE B 78 -15.38 -23.66 19.37
N ARG B 79 -14.15 -24.15 19.48
CA ARG B 79 -13.24 -23.70 20.52
C ARG B 79 -12.04 -22.95 19.96
N ILE B 80 -11.66 -21.88 20.66
CA ILE B 80 -10.39 -21.19 20.42
C ILE B 80 -9.39 -21.71 21.43
N ARG B 81 -8.20 -22.05 20.97
CA ARG B 81 -7.12 -22.50 21.83
C ARG B 81 -5.87 -21.71 21.51
N VAL B 82 -5.08 -21.40 22.53
CA VAL B 82 -3.85 -20.64 22.40
C VAL B 82 -2.73 -21.46 23.02
N PHE B 83 -1.62 -21.58 22.29
CA PHE B 83 -0.47 -22.34 22.74
C PHE B 83 0.78 -21.49 22.66
N ASN B 84 1.62 -21.59 23.68
CA ASN B 84 2.98 -21.04 23.62
C ASN B 84 3.82 -21.97 22.76
N TYR B 85 4.37 -21.46 21.65
CA TYR B 85 5.06 -22.35 20.72
C TYR B 85 6.48 -22.68 21.14
N ASN B 86 7.02 -22.01 22.17
CA ASN B 86 8.33 -22.38 22.69
C ASN B 86 8.24 -23.53 23.68
N THR B 87 7.16 -23.62 24.45
CA THR B 87 6.98 -24.65 25.46
C THR B 87 5.90 -25.66 25.13
N GLY B 88 4.98 -25.34 24.21
CA GLY B 88 3.83 -26.18 23.97
C GLY B 88 2.74 -26.05 24.99
N GLU B 89 2.85 -25.10 25.91
CA GLU B 89 1.84 -24.93 26.95
C GLU B 89 0.56 -24.37 26.37
N LYS B 90 -0.58 -24.91 26.80
CA LYS B 90 -1.88 -24.39 26.40
C LYS B 90 -2.20 -23.18 27.29
N VAL B 91 -2.28 -22.00 26.68
CA VAL B 91 -2.50 -20.77 27.44
C VAL B 91 -3.96 -20.62 27.81
N VAL B 92 -4.88 -20.88 26.87
CA VAL B 92 -6.30 -20.81 27.14
C VAL B 92 -7.03 -21.75 26.18
N ASP B 93 -8.27 -22.09 26.55
CA ASP B 93 -9.08 -23.02 25.78
C ASP B 93 -10.53 -22.75 26.17
N PHE B 94 -11.29 -22.12 25.27
CA PHE B 94 -12.66 -21.75 25.56
C PHE B 94 -13.53 -21.89 24.33
N GLU B 95 -14.81 -22.19 24.55
CA GLU B 95 -15.78 -22.17 23.47
C GLU B 95 -16.06 -20.72 23.09
N ALA B 96 -15.75 -20.35 21.85
CA ALA B 96 -15.90 -18.98 21.40
C ALA B 96 -17.26 -18.71 20.77
N HIS B 97 -17.84 -19.70 20.10
CA HIS B 97 -19.10 -19.58 19.38
C HIS B 97 -19.88 -20.86 19.58
N PRO B 98 -21.20 -20.83 19.38
CA PRO B 98 -21.95 -22.09 19.37
C PRO B 98 -22.00 -22.71 17.98
N ASP B 99 -20.87 -22.68 17.26
CA ASP B 99 -20.77 -23.21 15.91
C ASP B 99 -19.31 -23.14 15.47
N TYR B 100 -19.04 -23.62 14.25
CA TYR B 100 -17.69 -23.61 13.72
C TYR B 100 -17.05 -22.22 13.82
N ILE B 101 -15.74 -22.21 13.96
CA ILE B 101 -14.94 -21.00 13.79
C ILE B 101 -14.29 -21.08 12.43
N ARG B 102 -14.54 -20.06 11.59
CA ARG B 102 -14.03 -20.03 10.23
C ARG B 102 -12.75 -19.24 10.08
N SER B 103 -12.55 -18.20 10.88
CA SER B 103 -11.49 -17.23 10.62
C SER B 103 -11.10 -16.55 11.91
N ILE B 104 -9.81 -16.24 12.05
CA ILE B 104 -9.28 -15.51 13.20
C ILE B 104 -8.34 -14.43 12.71
N ALA B 105 -8.46 -13.24 13.28
CA ALA B 105 -7.57 -12.13 12.98
C ALA B 105 -7.06 -11.53 14.29
N VAL B 106 -5.81 -11.07 14.28
CA VAL B 106 -5.14 -10.58 15.47
C VAL B 106 -4.79 -9.11 15.27
N HIS B 107 -5.22 -8.29 16.22
CA HIS B 107 -4.93 -6.85 16.18
C HIS B 107 -3.42 -6.62 16.24
N PRO B 108 -2.89 -5.68 15.46
CA PRO B 108 -1.42 -5.52 15.42
C PRO B 108 -0.83 -4.89 16.68
N THR B 109 -1.58 -4.06 17.40
CA THR B 109 -1.05 -3.33 18.54
C THR B 109 -1.80 -3.54 19.85
N LYS B 110 -3.06 -3.94 19.78
CA LYS B 110 -3.90 -4.10 20.96
C LYS B 110 -4.15 -5.58 21.22
N PRO B 111 -4.43 -5.96 22.45
CA PRO B 111 -4.61 -7.37 22.82
C PRO B 111 -5.96 -7.93 22.39
N TYR B 112 -6.32 -7.73 21.12
CA TYR B 112 -7.63 -8.11 20.61
C TYR B 112 -7.49 -9.19 19.55
N VAL B 113 -8.45 -10.12 19.55
CA VAL B 113 -8.58 -11.14 18.53
C VAL B 113 -10.01 -11.15 18.03
N LEU B 114 -10.19 -11.28 16.73
CA LEU B 114 -11.51 -11.43 16.12
C LEU B 114 -11.70 -12.87 15.66
N SER B 115 -12.90 -13.40 15.85
CA SER B 115 -13.27 -14.71 15.36
C SER B 115 -14.57 -14.60 14.56
N GLY B 116 -14.57 -15.14 13.34
CA GLY B 116 -15.76 -15.23 12.52
C GLY B 116 -16.28 -16.65 12.53
N SER B 117 -17.60 -16.80 12.53
CA SER B 117 -18.21 -18.09 12.84
C SER B 117 -19.41 -18.37 11.98
N ASP B 118 -19.73 -19.67 11.85
CA ASP B 118 -20.96 -20.10 11.23
C ASP B 118 -22.19 -19.65 12.01
N ASP B 119 -22.02 -19.18 13.25
CA ASP B 119 -23.13 -18.67 14.05
C ASP B 119 -23.61 -17.30 13.60
N LEU B 120 -23.11 -16.80 12.47
CA LEU B 120 -23.51 -15.56 11.82
C LEU B 120 -22.88 -14.32 12.46
N THR B 121 -21.91 -14.47 13.35
CA THR B 121 -21.37 -13.33 14.08
C THR B 121 -19.85 -13.27 13.95
N VAL B 122 -19.32 -12.09 14.26
CA VAL B 122 -17.92 -11.89 14.60
C VAL B 122 -17.85 -11.52 16.07
N LYS B 123 -16.84 -12.04 16.77
CA LYS B 123 -16.68 -11.76 18.19
C LYS B 123 -15.28 -11.24 18.46
N LEU B 124 -15.17 -10.37 19.47
CA LEU B 124 -13.94 -9.69 19.82
C LEU B 124 -13.51 -10.13 21.21
N TRP B 125 -12.28 -10.63 21.32
CA TRP B 125 -11.74 -11.16 22.57
C TRP B 125 -10.53 -10.33 23.01
N ASN B 126 -10.39 -10.14 24.32
CA ASN B 126 -9.34 -9.30 24.89
C ASN B 126 -8.50 -10.17 25.84
N TRP B 127 -7.27 -10.49 25.42
CA TRP B 127 -6.45 -11.40 26.21
C TRP B 127 -5.78 -10.72 27.40
N GLU B 128 -5.85 -9.40 27.52
CA GLU B 128 -5.44 -8.73 28.74
C GLU B 128 -6.59 -8.62 29.75
N ASN B 129 -7.77 -9.14 29.41
CA ASN B 129 -8.93 -9.17 30.29
C ASN B 129 -9.47 -10.59 30.39
N ASN B 130 -8.58 -11.54 30.64
CA ASN B 130 -8.93 -12.95 30.77
C ASN B 130 -9.66 -13.46 29.53
N TRP B 131 -9.29 -12.95 28.35
CA TRP B 131 -9.92 -13.37 27.10
C TRP B 131 -11.43 -13.11 27.11
N ALA B 132 -11.83 -12.02 27.76
CA ALA B 132 -13.24 -11.70 27.87
C ALA B 132 -13.83 -11.36 26.51
N LEU B 133 -15.09 -11.75 26.31
CA LEU B 133 -15.86 -11.33 25.16
C LEU B 133 -16.22 -9.86 25.31
N GLU B 134 -15.63 -9.00 24.48
CA GLU B 134 -15.86 -7.57 24.58
C GLU B 134 -16.98 -7.09 23.65
N GLN B 135 -17.22 -7.78 22.55
CA GLN B 135 -18.26 -7.35 21.62
C GLN B 135 -18.60 -8.49 20.67
N THR B 136 -19.88 -8.53 20.30
CA THR B 136 -20.37 -9.42 19.25
C THR B 136 -20.96 -8.55 18.14
N PHE B 137 -20.48 -8.74 16.92
CA PHE B 137 -20.94 -7.98 15.77
C PHE B 137 -21.99 -8.79 15.03
N GLU B 138 -23.23 -8.30 15.05
CA GLU B 138 -24.37 -8.99 14.48
C GLU B 138 -24.87 -8.26 13.24
N GLY B 139 -25.46 -9.01 12.32
CA GLY B 139 -25.97 -8.42 11.10
C GLY B 139 -25.91 -9.35 9.90
N HIS B 140 -24.87 -10.18 9.84
CA HIS B 140 -24.77 -11.14 8.76
C HIS B 140 -25.89 -12.17 8.87
N GLU B 141 -26.20 -12.79 7.73
CA GLU B 141 -27.30 -13.74 7.63
C GLU B 141 -26.85 -15.13 7.17
N HIS B 142 -25.55 -15.37 7.10
CA HIS B 142 -25.02 -16.69 6.75
C HIS B 142 -23.65 -16.82 7.44
N PHE B 143 -22.94 -17.89 7.11
CA PHE B 143 -21.65 -18.15 7.75
C PHE B 143 -20.67 -17.01 7.49
N VAL B 144 -20.05 -16.50 8.55
CA VAL B 144 -18.98 -15.53 8.42
C VAL B 144 -17.70 -16.31 8.12
N MET B 145 -17.15 -16.12 6.92
CA MET B 145 -16.07 -16.96 6.42
C MET B 145 -14.68 -16.37 6.64
N CYS B 146 -14.57 -15.07 6.83
CA CYS B 146 -13.26 -14.43 6.85
C CYS B 146 -13.38 -13.07 7.53
N VAL B 147 -12.37 -12.74 8.33
CA VAL B 147 -12.30 -11.46 9.02
C VAL B 147 -10.89 -10.93 8.87
N ALA B 148 -10.75 -9.62 8.70
CA ALA B 148 -9.44 -9.00 8.51
C ALA B 148 -9.45 -7.57 9.03
N PHE B 149 -8.43 -7.23 9.81
CA PHE B 149 -8.28 -5.87 10.30
C PHE B 149 -7.80 -4.96 9.17
N ASN B 150 -8.28 -3.72 9.19
CA ASN B 150 -7.80 -2.71 8.25
C ASN B 150 -6.40 -2.29 8.66
N PRO B 151 -5.37 -2.50 7.83
CA PRO B 151 -4.01 -2.16 8.27
C PRO B 151 -3.82 -0.67 8.51
N LYS B 152 -4.61 0.18 7.86
CA LYS B 152 -4.48 1.62 8.03
C LYS B 152 -5.13 2.10 9.32
N ASP B 153 -6.20 1.43 9.74
CA ASP B 153 -6.95 1.83 10.93
C ASP B 153 -7.52 0.57 11.55
N PRO B 154 -6.77 -0.09 12.44
CA PRO B 154 -7.23 -1.38 12.97
C PRO B 154 -8.34 -1.26 14.01
N SER B 155 -8.89 -0.06 14.20
CA SER B 155 -10.16 0.06 14.90
C SER B 155 -11.33 -0.31 14.00
N THR B 156 -11.07 -0.57 12.72
CA THR B 156 -12.07 -1.09 11.79
C THR B 156 -11.57 -2.40 11.20
N PHE B 157 -12.51 -3.22 10.74
CA PHE B 157 -12.19 -4.50 10.14
C PHE B 157 -13.31 -4.90 9.21
N ALA B 158 -13.01 -5.85 8.33
CA ALA B 158 -13.95 -6.34 7.34
C ALA B 158 -14.28 -7.80 7.61
N SER B 159 -15.54 -8.16 7.40
CA SER B 159 -15.99 -9.54 7.45
C SER B 159 -16.59 -9.91 6.10
N GLY B 160 -16.28 -11.11 5.64
CA GLY B 160 -16.85 -11.65 4.40
C GLY B 160 -17.75 -12.82 4.74
N CYS B 161 -18.90 -12.87 4.09
CA CYS B 161 -19.98 -13.75 4.51
C CYS B 161 -20.63 -14.42 3.31
N LEU B 162 -21.17 -15.62 3.55
CA LEU B 162 -21.89 -16.35 2.52
C LEU B 162 -23.24 -15.73 2.19
N ASP B 163 -23.68 -14.72 2.95
CA ASP B 163 -24.89 -13.97 2.61
C ASP B 163 -24.66 -12.97 1.48
N ARG B 164 -23.50 -13.04 0.82
CA ARG B 164 -23.17 -12.20 -0.33
C ARG B 164 -22.87 -10.76 0.07
N THR B 165 -22.32 -10.55 1.26
CA THR B 165 -21.92 -9.21 1.66
C THR B 165 -20.55 -9.23 2.31
N VAL B 166 -19.85 -8.10 2.17
CA VAL B 166 -18.73 -7.72 3.03
C VAL B 166 -19.22 -6.56 3.89
N LYS B 167 -19.02 -6.67 5.19
CA LYS B 167 -19.37 -5.60 6.12
C LYS B 167 -18.09 -5.09 6.76
N VAL B 168 -17.96 -3.77 6.84
CA VAL B 168 -16.84 -3.12 7.51
C VAL B 168 -17.37 -2.50 8.79
N TRP B 169 -16.73 -2.81 9.90
CA TRP B 169 -17.21 -2.43 11.22
C TRP B 169 -16.20 -1.53 11.91
N SER B 170 -16.66 -0.88 12.98
CA SER B 170 -15.79 -0.16 13.91
C SER B 170 -15.94 -0.81 15.29
N LEU B 171 -14.81 -1.05 15.95
CA LEU B 171 -14.85 -1.53 17.32
C LEU B 171 -15.69 -0.56 18.17
N GLY B 172 -16.61 -1.12 18.96
CA GLY B 172 -17.49 -0.32 19.79
C GLY B 172 -18.77 0.11 19.13
N GLN B 173 -18.94 -0.14 17.84
CA GLN B 173 -20.16 0.20 17.11
C GLN B 173 -20.92 -1.07 16.76
N SER B 174 -22.22 -1.08 17.05
CA SER B 174 -23.04 -2.27 16.81
C SER B 174 -23.46 -2.41 15.35
N THR B 175 -23.51 -1.32 14.59
CA THR B 175 -23.90 -1.42 13.19
C THR B 175 -22.71 -1.17 12.28
N PRO B 176 -22.67 -1.82 11.11
CA PRO B 176 -21.52 -1.64 10.21
C PRO B 176 -21.40 -0.21 9.71
N ASN B 177 -20.16 0.21 9.47
CA ASN B 177 -19.92 1.46 8.75
C ASN B 177 -20.55 1.42 7.37
N PHE B 178 -20.43 0.28 6.68
CA PHE B 178 -21.10 0.10 5.40
C PHE B 178 -21.08 -1.39 5.05
N THR B 179 -21.94 -1.73 4.09
CA THR B 179 -22.09 -3.09 3.59
C THR B 179 -21.92 -3.09 2.07
N LEU B 180 -21.20 -4.06 1.56
CA LEU B 180 -21.02 -4.26 0.12
C LEU B 180 -21.69 -5.56 -0.29
N THR B 181 -22.49 -5.51 -1.36
CA THR B 181 -23.08 -6.72 -1.92
C THR B 181 -22.16 -7.23 -3.03
N THR B 182 -21.65 -8.45 -2.85
CA THR B 182 -20.50 -8.92 -3.61
C THR B 182 -20.87 -9.83 -4.79
N GLY B 183 -22.06 -10.40 -4.79
CA GLY B 183 -22.45 -11.34 -5.83
C GLY B 183 -23.93 -11.58 -5.78
N GLN B 184 -24.42 -12.29 -6.80
CA GLN B 184 -25.84 -12.57 -6.94
C GLN B 184 -26.23 -13.94 -6.46
N GLU B 185 -25.40 -14.95 -6.68
CA GLU B 185 -25.76 -16.34 -6.39
C GLU B 185 -24.89 -17.00 -5.34
N ARG B 186 -23.65 -16.53 -5.13
CA ARG B 186 -22.77 -17.08 -4.12
C ARG B 186 -22.15 -15.94 -3.32
N GLY B 187 -21.84 -16.23 -2.06
CA GLY B 187 -21.23 -15.26 -1.18
C GLY B 187 -19.72 -15.32 -1.19
N VAL B 188 -19.13 -14.75 -0.15
CA VAL B 188 -17.70 -14.48 -0.08
C VAL B 188 -17.02 -15.58 0.72
N ASN B 189 -16.00 -16.21 0.12
CA ASN B 189 -15.15 -17.15 0.84
C ASN B 189 -14.01 -16.45 1.56
N TYR B 190 -13.55 -15.30 1.04
CA TYR B 190 -12.35 -14.66 1.52
C TYR B 190 -12.46 -13.16 1.26
N VAL B 191 -11.97 -12.37 2.21
CA VAL B 191 -11.83 -10.93 2.04
C VAL B 191 -10.54 -10.49 2.72
N ASP B 192 -9.83 -9.57 2.07
CA ASP B 192 -8.57 -9.08 2.60
C ASP B 192 -8.40 -7.63 2.15
N TYR B 193 -7.61 -6.88 2.91
CA TYR B 193 -7.21 -5.54 2.51
C TYR B 193 -5.92 -5.61 1.71
N TYR B 194 -5.67 -4.56 0.93
CA TYR B 194 -4.33 -4.34 0.43
C TYR B 194 -3.39 -4.27 1.64
N PRO B 195 -2.33 -5.07 1.69
CA PRO B 195 -1.60 -5.24 2.96
C PRO B 195 -0.94 -3.98 3.47
N LEU B 196 -0.60 -3.03 2.62
CA LEU B 196 -0.08 -1.76 3.09
C LEU B 196 -1.17 -0.70 3.09
N PRO B 197 -1.13 0.26 4.02
CA PRO B 197 -2.16 1.31 4.03
C PRO B 197 -2.06 2.31 2.90
N ASP B 198 -1.12 2.11 1.95
CA ASP B 198 -0.96 3.05 0.84
C ASP B 198 -2.20 3.09 -0.05
N LYS B 199 -2.91 1.96 -0.18
CA LYS B 199 -3.97 1.82 -1.15
C LYS B 199 -5.28 1.45 -0.46
N PRO B 200 -6.40 2.08 -0.85
CA PRO B 200 -7.68 1.87 -0.16
C PRO B 200 -8.49 0.71 -0.74
N TYR B 201 -7.87 -0.45 -0.88
CA TYR B 201 -8.46 -1.56 -1.60
C TYR B 201 -8.77 -2.75 -0.69
N MET B 202 -9.82 -3.47 -1.08
CA MET B 202 -10.19 -4.74 -0.49
CA MET B 202 -10.21 -4.74 -0.49
C MET B 202 -10.45 -5.71 -1.63
N ILE B 203 -10.26 -7.00 -1.35
CA ILE B 203 -10.35 -8.02 -2.38
C ILE B 203 -11.11 -9.22 -1.85
N THR B 204 -11.99 -9.77 -2.67
CA THR B 204 -12.85 -10.89 -2.29
C THR B 204 -12.71 -12.03 -3.30
N ALA B 205 -13.00 -13.23 -2.82
CA ALA B 205 -13.00 -14.44 -3.64
C ALA B 205 -14.28 -15.21 -3.35
N SER B 206 -14.81 -15.88 -4.38
CA SER B 206 -16.15 -16.44 -4.26
C SER B 206 -16.28 -17.74 -5.05
N ASP B 207 -17.26 -18.54 -4.64
CA ASP B 207 -17.66 -19.71 -5.40
C ASP B 207 -18.29 -19.35 -6.74
N ASP B 208 -18.66 -18.08 -6.95
CA ASP B 208 -19.17 -17.66 -8.25
C ASP B 208 -18.05 -17.50 -9.29
N LEU B 209 -16.83 -17.93 -8.96
CA LEU B 209 -15.69 -18.02 -9.84
C LEU B 209 -14.98 -16.69 -10.04
N THR B 210 -15.37 -15.64 -9.31
CA THR B 210 -14.81 -14.32 -9.53
C THR B 210 -13.93 -13.88 -8.36
N ILE B 211 -12.96 -13.03 -8.70
CA ILE B 211 -12.23 -12.21 -7.75
C ILE B 211 -12.65 -10.78 -8.01
N LYS B 212 -13.03 -10.06 -6.95
CA LYS B 212 -13.48 -8.69 -7.08
C LYS B 212 -12.64 -7.78 -6.19
N ILE B 213 -12.30 -6.61 -6.74
CA ILE B 213 -11.52 -5.60 -6.04
C ILE B 213 -12.47 -4.46 -5.66
N TRP B 214 -12.38 -4.02 -4.41
CA TRP B 214 -13.27 -3.00 -3.88
C TRP B 214 -12.46 -1.84 -3.34
N ASP B 215 -13.04 -0.64 -3.42
CA ASP B 215 -12.46 0.57 -2.88
C ASP B 215 -13.25 0.94 -1.63
N TYR B 216 -12.59 0.93 -0.47
CA TYR B 216 -13.32 1.14 0.78
C TYR B 216 -13.57 2.62 1.08
N GLN B 217 -13.08 3.54 0.23
CA GLN B 217 -13.43 4.95 0.36
C GLN B 217 -14.69 5.27 -0.42
N THR B 218 -14.78 4.79 -1.66
CA THR B 218 -15.96 5.00 -2.50
C THR B 218 -16.99 3.89 -2.39
N LYS B 219 -16.69 2.82 -1.66
CA LYS B 219 -17.56 1.64 -1.58
C LYS B 219 -17.93 1.14 -2.97
N SER B 220 -16.99 1.20 -3.91
CA SER B 220 -17.23 0.81 -5.28
C SER B 220 -16.45 -0.45 -5.62
N CYS B 221 -16.99 -1.23 -6.56
CA CYS B 221 -16.26 -2.35 -7.14
C CYS B 221 -15.34 -1.82 -8.23
N VAL B 222 -14.03 -2.08 -8.09
CA VAL B 222 -13.07 -1.56 -9.03
C VAL B 222 -12.89 -2.49 -10.22
N ALA B 223 -12.98 -3.79 -10.02
CA ALA B 223 -12.67 -4.75 -11.07
C ALA B 223 -13.22 -6.12 -10.69
N THR B 224 -13.44 -6.94 -11.71
CA THR B 224 -13.83 -8.34 -11.53
C THR B 224 -12.87 -9.20 -12.35
N LEU B 225 -12.16 -10.09 -11.69
CA LEU B 225 -11.14 -10.93 -12.33
C LEU B 225 -11.71 -12.33 -12.53
N GLU B 226 -11.77 -12.77 -13.79
CA GLU B 226 -12.27 -14.08 -14.15
C GLU B 226 -11.15 -14.89 -14.80
N GLY B 227 -11.11 -16.18 -14.50
CA GLY B 227 -10.04 -17.04 -14.99
C GLY B 227 -10.06 -18.41 -14.38
N HIS B 228 -10.45 -18.50 -13.11
CA HIS B 228 -10.54 -19.79 -12.45
C HIS B 228 -11.76 -20.55 -12.92
N MET B 229 -11.62 -21.88 -13.00
CA MET B 229 -12.64 -22.76 -13.51
C MET B 229 -13.52 -23.36 -12.42
N SER B 230 -13.13 -23.23 -11.16
CA SER B 230 -13.89 -23.73 -10.02
C SER B 230 -13.78 -22.73 -8.88
N ASN B 231 -14.44 -23.05 -7.77
CA ASN B 231 -14.50 -22.17 -6.62
C ASN B 231 -13.14 -21.54 -6.33
N VAL B 232 -13.14 -20.21 -6.18
CA VAL B 232 -11.94 -19.48 -5.79
C VAL B 232 -11.91 -19.40 -4.28
N SER B 233 -10.88 -20.01 -3.68
CA SER B 233 -10.79 -20.08 -2.23
C SER B 233 -10.29 -18.78 -1.60
N PHE B 234 -9.45 -18.04 -2.31
CA PHE B 234 -8.85 -16.84 -1.74
C PHE B 234 -8.28 -15.99 -2.85
N ALA B 235 -7.99 -14.74 -2.51
CA ALA B 235 -7.27 -13.83 -3.39
C ALA B 235 -6.68 -12.73 -2.52
N VAL B 236 -5.39 -12.45 -2.70
CA VAL B 236 -4.70 -11.46 -1.89
C VAL B 236 -3.81 -10.58 -2.77
N PHE B 237 -3.56 -9.37 -2.28
CA PHE B 237 -2.53 -8.52 -2.86
C PHE B 237 -1.18 -8.88 -2.26
N HIS B 238 -0.16 -8.96 -3.11
CA HIS B 238 1.17 -9.23 -2.57
C HIS B 238 1.76 -7.94 -1.98
N PRO B 239 2.48 -8.04 -0.85
CA PRO B 239 2.94 -6.81 -0.17
C PRO B 239 4.10 -6.09 -0.85
N THR B 240 4.93 -6.79 -1.64
CA THR B 240 6.10 -6.16 -2.23
C THR B 240 6.18 -6.31 -3.75
N LEU B 241 5.30 -7.10 -4.38
CA LEU B 241 5.23 -7.18 -5.83
C LEU B 241 3.85 -6.71 -6.30
N PRO B 242 3.77 -5.98 -7.40
CA PRO B 242 2.45 -5.47 -7.86
C PRO B 242 1.63 -6.55 -8.54
N ILE B 243 1.20 -7.54 -7.76
CA ILE B 243 0.48 -8.69 -8.28
C ILE B 243 -0.63 -9.08 -7.31
N ILE B 244 -1.56 -9.88 -7.82
CA ILE B 244 -2.59 -10.54 -7.01
C ILE B 244 -2.35 -12.04 -7.11
N ILE B 245 -2.59 -12.76 -6.01
CA ILE B 245 -2.42 -14.20 -5.97
C ILE B 245 -3.73 -14.82 -5.52
N SER B 246 -4.23 -15.76 -6.31
CA SER B 246 -5.47 -16.45 -5.99
C SER B 246 -5.24 -17.95 -6.03
N GLY B 247 -6.14 -18.68 -5.38
CA GLY B 247 -6.12 -20.13 -5.41
C GLY B 247 -7.53 -20.65 -5.47
N SER B 248 -7.67 -21.84 -6.05
CA SER B 248 -8.98 -22.32 -6.46
C SER B 248 -9.07 -23.83 -6.27
N GLU B 249 -10.31 -24.32 -6.19
CA GLU B 249 -10.53 -25.76 -6.20
C GLU B 249 -10.22 -26.38 -7.55
N ASP B 250 -9.91 -25.57 -8.57
CA ASP B 250 -9.39 -26.10 -9.82
C ASP B 250 -7.95 -26.57 -9.70
N GLY B 251 -7.34 -26.43 -8.52
CA GLY B 251 -6.02 -26.96 -8.26
C GLY B 251 -4.88 -26.03 -8.63
N THR B 252 -5.15 -24.81 -9.04
CA THR B 252 -4.12 -23.89 -9.48
C THR B 252 -3.97 -22.70 -8.54
N LEU B 253 -2.77 -22.15 -8.52
CA LEU B 253 -2.53 -20.79 -8.08
C LEU B 253 -2.37 -19.91 -9.33
N LYS B 254 -3.00 -18.75 -9.32
CA LYS B 254 -2.89 -17.80 -10.41
C LYS B 254 -2.31 -16.49 -9.89
N ILE B 255 -1.38 -15.94 -10.66
CA ILE B 255 -0.74 -14.67 -10.36
C ILE B 255 -1.22 -13.67 -11.40
N TRP B 256 -1.84 -12.58 -10.94
CA TRP B 256 -2.42 -11.58 -11.82
C TRP B 256 -1.64 -10.27 -11.71
N ASN B 257 -1.49 -9.59 -12.84
CA ASN B 257 -0.96 -8.22 -12.84
C ASN B 257 -1.99 -7.29 -12.22
N SER B 258 -1.56 -6.51 -11.23
CA SER B 258 -2.49 -5.72 -10.43
C SER B 258 -2.96 -4.45 -11.12
N SER B 259 -2.44 -4.13 -12.30
CA SER B 259 -2.94 -3.01 -13.09
C SER B 259 -3.78 -3.48 -14.28
N THR B 260 -3.28 -4.43 -15.04
CA THR B 260 -4.04 -4.94 -16.18
C THR B 260 -5.02 -6.04 -15.80
N TYR B 261 -4.86 -6.64 -14.62
CA TYR B 261 -5.72 -7.75 -14.18
C TYR B 261 -5.66 -8.94 -15.13
N LYS B 262 -4.55 -9.09 -15.84
CA LYS B 262 -4.31 -10.21 -16.73
C LYS B 262 -3.51 -11.28 -16.01
N VAL B 263 -3.85 -12.54 -16.25
CA VAL B 263 -3.14 -13.65 -15.63
C VAL B 263 -1.72 -13.70 -16.16
N GLU B 264 -0.74 -13.61 -15.26
CA GLU B 264 0.66 -13.72 -15.63
C GLU B 264 1.18 -15.16 -15.52
N LYS B 265 0.79 -15.87 -14.47
CA LYS B 265 1.23 -17.23 -14.24
C LYS B 265 0.07 -18.06 -13.72
N THR B 266 -0.02 -19.30 -14.17
CA THR B 266 -0.90 -20.30 -13.59
C THR B 266 -0.03 -21.46 -13.13
N LEU B 267 -0.05 -21.73 -11.83
CA LEU B 267 0.74 -22.80 -11.24
C LEU B 267 -0.20 -23.88 -10.72
N ASN B 268 0.00 -25.11 -11.19
CA ASN B 268 -0.60 -26.29 -10.56
C ASN B 268 0.51 -26.98 -9.76
N VAL B 269 0.53 -26.75 -8.45
CA VAL B 269 1.59 -27.30 -7.61
C VAL B 269 1.44 -28.80 -7.40
N GLY B 270 0.35 -29.39 -7.88
CA GLY B 270 0.19 -30.83 -7.81
C GLY B 270 -0.28 -31.36 -6.47
N LEU B 271 -1.01 -30.54 -5.71
CA LEU B 271 -1.55 -30.96 -4.42
C LEU B 271 -3.07 -30.91 -4.39
N GLU B 272 -3.70 -30.91 -5.57
CA GLU B 272 -5.15 -30.84 -5.71
C GLU B 272 -5.68 -29.47 -5.27
N ARG B 273 -6.86 -29.44 -4.64
CA ARG B 273 -7.55 -28.17 -4.44
C ARG B 273 -6.80 -27.26 -3.47
N SER B 274 -6.75 -25.97 -3.80
CA SER B 274 -6.12 -24.96 -2.97
C SER B 274 -7.15 -24.34 -2.04
N TRP B 275 -6.78 -24.18 -0.76
CA TRP B 275 -7.72 -23.75 0.27
C TRP B 275 -7.33 -22.47 0.99
N CYS B 276 -6.05 -22.21 1.23
CA CYS B 276 -5.66 -21.08 2.06
C CYS B 276 -4.34 -20.51 1.57
N ILE B 277 -4.02 -19.31 2.07
CA ILE B 277 -2.92 -18.51 1.58
C ILE B 277 -2.32 -17.73 2.74
N ALA B 278 -1.01 -17.50 2.67
CA ALA B 278 -0.33 -16.54 3.52
C ALA B 278 0.76 -15.86 2.71
N THR B 279 1.03 -14.61 3.02
CA THR B 279 2.13 -13.85 2.45
C THR B 279 3.02 -13.37 3.59
N HIS B 280 4.33 -13.38 3.37
CA HIS B 280 5.23 -12.97 4.43
C HIS B 280 4.98 -11.49 4.73
N PRO B 281 4.77 -11.12 5.99
CA PRO B 281 4.33 -9.75 6.29
C PRO B 281 5.24 -8.67 5.70
N THR B 282 6.55 -8.91 5.63
CA THR B 282 7.49 -7.91 5.14
C THR B 282 8.07 -8.27 3.78
N GLY B 283 7.51 -9.27 3.09
CA GLY B 283 7.95 -9.62 1.76
C GLY B 283 9.26 -10.34 1.68
N ARG B 284 9.78 -10.83 2.79
CA ARG B 284 11.02 -11.61 2.82
C ARG B 284 11.03 -12.64 1.70
N LYS B 285 11.98 -12.51 0.78
CA LYS B 285 12.09 -13.37 -0.40
C LYS B 285 10.81 -13.40 -1.21
N ASN B 286 9.89 -12.47 -0.95
CA ASN B 286 8.58 -12.48 -1.61
C ASN B 286 7.87 -13.80 -1.35
N TYR B 287 8.08 -14.38 -0.18
CA TYR B 287 7.49 -15.67 0.15
C TYR B 287 5.97 -15.61 0.11
N ILE B 288 5.36 -16.66 -0.43
CA ILE B 288 3.97 -16.98 -0.20
C ILE B 288 3.89 -18.45 0.20
N ALA B 289 2.80 -18.81 0.87
CA ALA B 289 2.53 -20.19 1.24
C ALA B 289 1.05 -20.48 1.04
N SER B 290 0.74 -21.68 0.59
CA SER B 290 -0.63 -22.07 0.30
C SER B 290 -0.85 -23.51 0.74
N GLY B 291 -2.00 -23.75 1.36
CA GLY B 291 -2.39 -25.07 1.80
C GLY B 291 -3.40 -25.69 0.85
N PHE B 292 -3.32 -27.01 0.69
CA PHE B 292 -4.06 -27.76 -0.32
C PHE B 292 -4.66 -29.00 0.31
N ASP B 293 -5.41 -29.75 -0.50
CA ASP B 293 -5.92 -31.05 -0.06
C ASP B 293 -4.79 -31.94 0.44
N ASN B 294 -3.64 -31.92 -0.26
CA ASN B 294 -2.61 -32.92 -0.05
C ASN B 294 -1.34 -32.36 0.58
N GLY B 295 -1.36 -31.13 1.07
CA GLY B 295 -0.22 -30.58 1.75
C GLY B 295 -0.18 -29.07 1.58
N PHE B 296 1.03 -28.53 1.72
CA PHE B 296 1.26 -27.10 1.53
C PHE B 296 2.60 -26.91 0.83
N THR B 297 2.74 -25.75 0.21
CA THR B 297 3.99 -25.36 -0.43
C THR B 297 4.32 -23.93 -0.06
N VAL B 298 5.62 -23.64 0.01
CA VAL B 298 6.15 -22.31 0.25
C VAL B 298 6.94 -21.92 -0.99
N LEU B 299 6.56 -20.80 -1.60
CA LEU B 299 7.16 -20.35 -2.85
C LEU B 299 7.83 -19.00 -2.66
N SER B 300 9.02 -18.85 -3.24
CA SER B 300 9.67 -17.57 -3.40
C SER B 300 9.38 -17.07 -4.80
N LEU B 301 8.71 -15.92 -4.91
CA LEU B 301 8.18 -15.49 -6.20
C LEU B 301 9.23 -14.82 -7.07
N GLY B 302 10.31 -14.31 -6.49
CA GLY B 302 11.39 -13.75 -7.27
C GLY B 302 12.46 -13.11 -6.39
#